data_8S4C
#
_entry.id   8S4C
#
_cell.length_a   43.740
_cell.length_b   64.110
_cell.length_c   129.790
_cell.angle_alpha   90.00
_cell.angle_beta   90.00
_cell.angle_gamma   90.00
#
_symmetry.space_group_name_H-M   'P 21 21 21'
#
loop_
_entity.id
_entity.type
_entity.pdbx_description
1 polymer 'Diadenylate cyclase'
2 non-polymer DAMINOZIDE
3 water water
#
_entity_poly.entity_id   1
_entity_poly.type   'polypeptide(L)'
_entity_poly.pdbx_seq_one_letter_code
;GPLGSYGSRIEREQHHLIESIEKSTQYMAKRRIGALISVARDTGMDDYIETGIPLNAKISSQLLINIFIPNTPLHDGAVI
IKGNEIASAASYLPLSDSPFLSKELGTRHRAALGISEVTDSITIVVSEETGGISLTKGGELFRDVSEEELHKILLKELVT
VTAKKPSIFSKWKGGKSE
;
_entity_poly.pdbx_strand_id   A,B
#
# COMPACT_ATOMS: atom_id res chain seq x y z
N ARG A 9 15.33 -1.65 19.78
CA ARG A 9 15.23 -0.91 18.53
C ARG A 9 15.49 -1.84 17.36
N ILE A 10 16.76 -1.99 16.96
CA ILE A 10 17.09 -2.78 15.78
C ILE A 10 16.60 -4.22 15.92
N GLU A 11 16.80 -4.84 17.09
CA GLU A 11 16.42 -6.24 17.21
C GLU A 11 14.90 -6.38 17.15
N ARG A 12 14.20 -5.50 17.86
CA ARG A 12 12.74 -5.48 17.81
C ARG A 12 12.24 -5.26 16.39
N GLU A 13 12.84 -4.30 15.66
CA GLU A 13 12.49 -4.08 14.27
C GLU A 13 12.70 -5.33 13.41
N GLN A 14 13.84 -5.99 13.60
CA GLN A 14 14.11 -7.21 12.84
C GLN A 14 13.13 -8.33 13.17
N HIS A 15 12.80 -8.53 14.45
CA HIS A 15 11.81 -9.55 14.77
C HIS A 15 10.45 -9.19 14.20
N HIS A 16 10.07 -7.91 14.23
CA HIS A 16 8.79 -7.51 13.65
C HIS A 16 8.78 -7.76 12.14
N LEU A 17 9.91 -7.52 11.48
CA LEU A 17 10.05 -7.84 10.07
C LEU A 17 9.81 -9.31 9.81
N ILE A 18 10.45 -10.19 10.61
CA ILE A 18 10.26 -11.62 10.44
C ILE A 18 8.80 -12.00 10.63
N GLU A 19 8.18 -11.51 11.71
CA GLU A 19 6.77 -11.81 11.97
C GLU A 19 5.90 -11.36 10.81
N SER A 20 6.16 -10.15 10.30
CA SER A 20 5.40 -9.64 9.15
C SER A 20 5.51 -10.56 7.95
N ILE A 21 6.73 -11.06 7.65
CA ILE A 21 6.88 -11.98 6.53
C ILE A 21 6.19 -13.31 6.82
N GLU A 22 6.34 -13.84 8.04
CA GLU A 22 5.70 -15.11 8.36
C GLU A 22 4.19 -15.03 8.20
N LYS A 23 3.58 -13.97 8.74
CA LYS A 23 2.12 -13.87 8.74
C LYS A 23 1.59 -13.69 7.31
N SER A 24 2.23 -12.80 6.53
CA SER A 24 1.74 -12.52 5.19
C SER A 24 1.89 -13.75 4.29
N THR A 25 3.05 -14.43 4.35
CA THR A 25 3.25 -15.56 3.48
C THR A 25 2.34 -16.73 3.87
N GLN A 26 2.03 -16.87 5.16
CA GLN A 26 1.09 -17.91 5.57
C GLN A 26 -0.28 -17.61 4.97
N TYR A 27 -0.71 -16.35 5.06
CA TYR A 27 -1.98 -15.93 4.46
C TYR A 27 -2.01 -16.25 2.97
N MET A 28 -0.95 -15.84 2.26
CA MET A 28 -0.92 -16.03 0.82
C MET A 28 -0.76 -17.49 0.44
N ALA A 29 0.06 -18.24 1.19
CA ALA A 29 0.23 -19.65 0.88
C ALA A 29 -1.10 -20.38 0.92
N LYS A 30 -1.92 -20.09 1.94
CA LYS A 30 -3.20 -20.77 2.08
C LYS A 30 -4.10 -20.51 0.87
N ARG A 31 -4.08 -19.28 0.37
CA ARG A 31 -4.90 -18.87 -0.75
C ARG A 31 -4.18 -19.00 -2.09
N ARG A 32 -2.96 -19.52 -2.08
CA ARG A 32 -2.17 -19.73 -3.30
C ARG A 32 -2.04 -18.42 -4.09
N ILE A 33 -1.61 -17.38 -3.38
CA ILE A 33 -1.34 -16.08 -3.98
C ILE A 33 0.16 -15.97 -4.21
N GLY A 34 0.55 -15.72 -5.46
CA GLY A 34 1.96 -15.56 -5.77
C GLY A 34 2.54 -14.32 -5.11
N ALA A 35 3.75 -14.48 -4.56
CA ALA A 35 4.41 -13.35 -3.90
C ALA A 35 5.92 -13.47 -4.06
N LEU A 36 6.58 -12.32 -4.01
CA LEU A 36 8.04 -12.25 -4.19
C LEU A 36 8.53 -11.12 -3.31
N ILE A 37 9.32 -11.45 -2.29
CA ILE A 37 9.72 -10.50 -1.26
C ILE A 37 11.21 -10.64 -1.07
N SER A 38 11.97 -9.59 -1.41
CA SER A 38 13.42 -9.60 -1.31
C SER A 38 13.85 -8.63 -0.21
N VAL A 39 14.66 -9.13 0.73
CA VAL A 39 15.11 -8.36 1.88
C VAL A 39 16.58 -8.04 1.68
N ALA A 40 16.89 -6.76 1.47
CA ALA A 40 18.26 -6.32 1.27
C ALA A 40 19.07 -6.48 2.56
N ARG A 41 20.37 -6.75 2.39
CA ARG A 41 21.29 -6.77 3.52
C ARG A 41 22.52 -5.93 3.21
N ASP A 42 23.72 -6.46 3.46
CA ASP A 42 24.94 -5.69 3.24
C ASP A 42 25.04 -5.18 1.80
N THR A 43 24.70 -6.03 0.83
CA THR A 43 24.69 -5.63 -0.57
C THR A 43 23.57 -4.62 -0.82
N GLY A 44 23.89 -3.55 -1.55
CA GLY A 44 22.88 -2.56 -1.90
C GLY A 44 22.02 -3.03 -3.04
N MET A 45 20.71 -2.86 -2.90
CA MET A 45 19.74 -3.14 -3.95
C MET A 45 19.02 -1.89 -4.43
N ASP A 46 19.62 -0.71 -4.22
CA ASP A 46 18.98 0.54 -4.65
C ASP A 46 18.59 0.50 -6.13
N ASP A 47 19.41 -0.11 -6.99
CA ASP A 47 19.11 -0.07 -8.41
C ASP A 47 17.80 -0.79 -8.71
N TYR A 48 17.51 -1.88 -7.99
CA TYR A 48 16.25 -2.58 -8.25
C TYR A 48 15.08 -1.91 -7.57
N ILE A 49 15.33 -1.26 -6.42
CA ILE A 49 14.30 -0.43 -5.80
C ILE A 49 13.79 0.60 -6.80
N GLU A 50 14.72 1.22 -7.54
CA GLU A 50 14.37 2.29 -8.47
C GLU A 50 13.50 1.81 -9.62
N THR A 51 13.39 0.50 -9.85
CA THR A 51 12.63 -0.02 -10.97
C THR A 51 11.15 -0.18 -10.64
N GLY A 52 10.79 -0.15 -9.35
CA GLY A 52 9.44 -0.42 -8.92
C GLY A 52 8.70 0.85 -8.56
N ILE A 53 7.55 0.67 -7.92
CA ILE A 53 6.73 1.77 -7.44
C ILE A 53 7.23 2.10 -6.03
N PRO A 54 7.63 3.35 -5.76
CA PRO A 54 8.21 3.61 -4.43
C PRO A 54 7.11 3.68 -3.39
N LEU A 55 7.33 2.98 -2.27
CA LEU A 55 6.40 3.04 -1.14
C LEU A 55 7.00 3.65 0.11
N ASN A 56 8.25 3.29 0.44
CA ASN A 56 8.93 3.75 1.64
C ASN A 56 8.02 3.63 2.87
N ALA A 57 7.34 2.48 2.96
CA ALA A 57 6.24 2.30 3.88
C ALA A 57 6.65 1.50 5.12
N LYS A 58 5.93 1.71 6.21
CA LYS A 58 6.16 0.89 7.40
C LYS A 58 5.89 -0.57 7.06
N ILE A 59 6.68 -1.47 7.64
CA ILE A 59 6.49 -2.90 7.41
C ILE A 59 5.29 -3.38 8.21
N SER A 60 4.35 -4.06 7.56
CA SER A 60 3.30 -4.77 8.26
C SER A 60 2.89 -5.97 7.42
N SER A 61 2.34 -6.99 8.10
CA SER A 61 1.78 -8.12 7.37
C SER A 61 0.60 -7.70 6.50
N GLN A 62 -0.26 -6.81 7.02
CA GLN A 62 -1.43 -6.38 6.26
C GLN A 62 -1.03 -5.70 4.95
N LEU A 63 0.00 -4.85 4.98
CA LEU A 63 0.39 -4.19 3.74
C LEU A 63 1.01 -5.16 2.74
N LEU A 64 1.84 -6.08 3.22
CA LEU A 64 2.39 -7.10 2.32
C LEU A 64 1.27 -7.88 1.64
N ILE A 65 0.26 -8.29 2.41
CA ILE A 65 -0.86 -9.03 1.84
C ILE A 65 -1.59 -8.20 0.78
N ASN A 66 -1.91 -6.95 1.11
CA ASN A 66 -2.65 -6.11 0.17
C ASN A 66 -1.86 -5.89 -1.11
N ILE A 67 -0.53 -5.84 -1.03
CA ILE A 67 0.30 -5.61 -2.21
C ILE A 67 0.14 -6.74 -3.22
N PHE A 68 0.14 -7.99 -2.76
CA PHE A 68 0.18 -9.13 -3.66
C PHE A 68 -1.20 -9.67 -4.05
N ILE A 69 -2.28 -9.01 -3.66
CA ILE A 69 -3.60 -9.48 -4.11
C ILE A 69 -3.61 -9.56 -5.63
N PRO A 70 -4.13 -10.63 -6.25
CA PRO A 70 -4.04 -10.76 -7.70
C PRO A 70 -4.81 -9.66 -8.42
N ASN A 71 -4.41 -9.40 -9.67
CA ASN A 71 -5.12 -8.47 -10.54
C ASN A 71 -5.20 -7.08 -9.93
N THR A 72 -4.12 -6.67 -9.26
CA THR A 72 -3.94 -5.35 -8.71
C THR A 72 -2.68 -4.72 -9.29
N PRO A 73 -2.55 -3.39 -9.22
CA PRO A 73 -1.34 -2.75 -9.78
C PRO A 73 -0.04 -3.26 -9.18
N LEU A 74 0.03 -3.50 -7.88
CA LEU A 74 1.31 -3.78 -7.24
C LEU A 74 1.67 -5.26 -7.15
N HIS A 75 0.81 -6.17 -7.62
CA HIS A 75 1.03 -7.59 -7.28
C HIS A 75 2.10 -8.23 -8.14
N ASP A 76 2.25 -7.82 -9.39
CA ASP A 76 3.29 -8.36 -10.26
C ASP A 76 4.63 -7.73 -9.91
N GLY A 77 5.68 -8.54 -9.87
CA GLY A 77 6.99 -8.04 -9.53
C GLY A 77 7.31 -8.24 -8.06
N ALA A 78 8.45 -7.68 -7.67
CA ALA A 78 9.01 -7.90 -6.35
C ALA A 78 8.74 -6.75 -5.40
N VAL A 79 8.46 -7.09 -4.14
CA VAL A 79 8.59 -6.15 -3.04
C VAL A 79 10.04 -6.20 -2.57
N ILE A 80 10.61 -5.04 -2.27
CA ILE A 80 11.96 -4.96 -1.75
C ILE A 80 11.92 -4.25 -0.41
N ILE A 81 12.45 -4.90 0.61
CA ILE A 81 12.51 -4.36 1.95
C ILE A 81 13.94 -3.92 2.20
N LYS A 82 14.10 -2.70 2.70
CA LYS A 82 15.41 -2.13 2.95
C LYS A 82 15.36 -1.39 4.27
N GLY A 83 16.29 -1.72 5.16
CA GLY A 83 16.33 -1.12 6.47
C GLY A 83 15.10 -1.56 7.25
N ASN A 84 14.22 -0.61 7.54
CA ASN A 84 12.99 -0.91 8.27
C ASN A 84 11.77 -0.45 7.48
N GLU A 85 11.84 -0.52 6.15
CA GLU A 85 10.75 -0.08 5.30
C GLU A 85 10.52 -1.05 4.16
N ILE A 86 9.28 -1.07 3.67
CA ILE A 86 8.98 -1.61 2.35
C ILE A 86 9.37 -0.52 1.36
N ALA A 87 10.53 -0.67 0.71
CA ALA A 87 11.04 0.40 -0.15
C ALA A 87 10.20 0.52 -1.42
N SER A 88 9.90 -0.61 -2.06
CA SER A 88 9.24 -0.57 -3.36
C SER A 88 8.43 -1.85 -3.55
N ALA A 89 7.47 -1.76 -4.47
CA ALA A 89 6.73 -2.92 -4.93
C ALA A 89 6.74 -2.90 -6.44
N ALA A 90 6.34 -4.03 -7.04
CA ALA A 90 6.36 -4.19 -8.50
C ALA A 90 7.76 -3.97 -9.07
N SER A 91 8.79 -4.27 -8.30
CA SER A 91 10.16 -4.10 -8.79
C SER A 91 10.59 -5.25 -9.69
N TYR A 92 11.46 -4.93 -10.62
CA TYR A 92 12.11 -5.95 -11.43
C TYR A 92 13.29 -6.55 -10.66
N LEU A 93 13.50 -7.85 -10.86
CA LEU A 93 14.66 -8.55 -10.35
C LEU A 93 15.25 -9.35 -11.51
N PRO A 94 16.57 -9.47 -11.59
CA PRO A 94 17.17 -10.20 -12.72
C PRO A 94 16.83 -11.68 -12.63
N LEU A 95 16.50 -12.26 -13.78
CA LEU A 95 16.11 -13.67 -13.85
C LEU A 95 17.36 -14.53 -13.97
N SER A 96 17.44 -15.59 -13.16
CA SER A 96 18.55 -16.51 -13.28
C SER A 96 18.49 -17.23 -14.62
N ASP A 97 19.64 -17.50 -15.22
CA ASP A 97 19.72 -18.36 -16.39
C ASP A 97 20.07 -19.80 -16.06
N SER A 98 20.09 -20.16 -14.78
CA SER A 98 20.51 -21.51 -14.40
C SER A 98 19.64 -22.57 -15.08
N PRO A 99 20.24 -23.57 -15.73
CA PRO A 99 19.44 -24.70 -16.21
C PRO A 99 19.05 -25.67 -15.12
N PHE A 100 19.57 -25.50 -13.91
CA PHE A 100 19.27 -26.41 -12.80
C PHE A 100 17.93 -26.13 -12.17
N LEU A 101 17.38 -24.93 -12.36
CA LEU A 101 16.10 -24.58 -11.76
C LEU A 101 15.00 -25.43 -12.41
N SER A 102 14.19 -26.05 -11.57
CA SER A 102 13.16 -26.97 -12.06
C SER A 102 12.22 -26.28 -13.05
N LYS A 103 11.86 -27.00 -14.11
CA LYS A 103 10.89 -26.47 -15.07
C LYS A 103 9.52 -26.23 -14.43
N GLU A 104 9.24 -26.87 -13.29
CA GLU A 104 7.95 -26.71 -12.64
C GLU A 104 7.80 -25.33 -12.02
N LEU A 105 8.90 -24.70 -11.63
CA LEU A 105 8.89 -23.42 -10.95
C LEU A 105 8.68 -22.29 -11.94
N GLY A 106 8.18 -21.17 -11.45
CA GLY A 106 7.75 -20.08 -12.29
C GLY A 106 8.71 -18.90 -12.29
N THR A 107 8.22 -17.80 -12.87
CA THR A 107 9.05 -16.61 -13.02
C THR A 107 9.49 -16.04 -11.68
N ARG A 108 8.61 -16.05 -10.67
CA ARG A 108 9.02 -15.54 -9.36
C ARG A 108 10.20 -16.33 -8.81
N HIS A 109 10.19 -17.65 -8.95
CA HIS A 109 11.32 -18.44 -8.46
C HIS A 109 12.59 -18.08 -9.20
N ARG A 110 12.49 -17.85 -10.51
CA ARG A 110 13.68 -17.55 -11.30
C ARG A 110 14.22 -16.17 -10.96
N ALA A 111 13.32 -15.23 -10.66
CA ALA A 111 13.73 -13.90 -10.24
C ALA A 111 14.37 -13.94 -8.86
N ALA A 112 13.79 -14.69 -7.93
CA ALA A 112 14.40 -14.85 -6.62
C ALA A 112 15.78 -15.49 -6.73
N LEU A 113 15.91 -16.51 -7.59
CA LEU A 113 17.23 -17.11 -7.75
C LEU A 113 18.20 -16.10 -8.36
N GLY A 114 17.74 -15.32 -9.33
CA GLY A 114 18.64 -14.41 -10.02
C GLY A 114 19.17 -13.31 -9.11
N ILE A 115 18.31 -12.74 -8.26
CA ILE A 115 18.81 -11.70 -7.38
C ILE A 115 19.76 -12.28 -6.34
N SER A 116 19.53 -13.53 -5.93
CA SER A 116 20.37 -14.17 -4.93
C SER A 116 21.77 -14.47 -5.48
N GLU A 117 21.91 -14.60 -6.80
CA GLU A 117 23.22 -14.81 -7.41
C GLU A 117 24.10 -13.57 -7.42
N VAL A 118 23.51 -12.36 -7.36
CA VAL A 118 24.29 -11.14 -7.49
C VAL A 118 24.18 -10.25 -6.27
N THR A 119 23.52 -10.72 -5.20
CA THR A 119 23.41 -9.99 -3.96
C THR A 119 23.44 -10.97 -2.80
N ASP A 120 23.63 -10.44 -1.59
CA ASP A 120 23.48 -11.22 -0.37
C ASP A 120 22.08 -11.09 0.22
N SER A 121 21.09 -10.70 -0.59
CA SER A 121 19.74 -10.56 -0.09
C SER A 121 19.09 -11.93 0.16
N ILE A 122 18.09 -11.91 1.04
CA ILE A 122 17.25 -13.07 1.34
C ILE A 122 15.92 -12.84 0.66
N THR A 123 15.48 -13.77 -0.19
CA THR A 123 14.27 -13.56 -0.95
C THR A 123 13.29 -14.70 -0.71
N ILE A 124 12.02 -14.36 -0.49
CA ILE A 124 10.98 -15.33 -0.17
C ILE A 124 9.98 -15.34 -1.32
N VAL A 125 9.56 -16.54 -1.72
CA VAL A 125 8.58 -16.71 -2.78
C VAL A 125 7.42 -17.54 -2.28
N VAL A 126 6.21 -17.14 -2.65
CA VAL A 126 5.01 -17.94 -2.48
C VAL A 126 4.54 -18.33 -3.88
N SER A 127 4.38 -19.62 -4.11
CA SER A 127 3.99 -20.12 -5.43
C SER A 127 2.48 -19.95 -5.63
N GLU A 128 2.12 -19.32 -6.74
CA GLU A 128 0.70 -19.18 -7.07
C GLU A 128 0.09 -20.49 -7.54
N GLU A 129 0.92 -21.46 -7.96
CA GLU A 129 0.39 -22.74 -8.39
C GLU A 129 0.18 -23.71 -7.23
N THR A 130 1.09 -23.75 -6.27
CA THR A 130 1.06 -24.75 -5.21
C THR A 130 0.87 -24.17 -3.81
N GLY A 131 1.09 -22.87 -3.63
CA GLY A 131 1.15 -22.28 -2.31
C GLY A 131 2.41 -22.57 -1.53
N GLY A 132 3.34 -23.36 -2.07
CA GLY A 132 4.58 -23.59 -1.37
C GLY A 132 5.38 -22.32 -1.21
N ILE A 133 6.09 -22.23 -0.08
CA ILE A 133 6.99 -21.13 0.21
C ILE A 133 8.42 -21.56 -0.08
N SER A 134 9.17 -20.73 -0.79
CA SER A 134 10.56 -21.02 -1.12
C SER A 134 11.42 -19.82 -0.79
N LEU A 135 12.71 -20.08 -0.63
CA LEU A 135 13.67 -19.07 -0.16
C LEU A 135 14.91 -19.18 -1.03
N THR A 136 15.48 -18.04 -1.43
CA THR A 136 16.76 -18.04 -2.12
C THR A 136 17.79 -17.24 -1.33
N LYS A 137 19.04 -17.70 -1.38
CA LYS A 137 20.17 -17.04 -0.75
C LYS A 137 21.45 -17.53 -1.42
N GLY A 138 22.33 -16.61 -1.78
CA GLY A 138 23.63 -16.99 -2.32
C GLY A 138 23.56 -17.96 -3.48
N GLY A 139 22.58 -17.80 -4.36
CA GLY A 139 22.52 -18.60 -5.56
C GLY A 139 21.91 -19.97 -5.39
N GLU A 140 21.35 -20.27 -4.22
CA GLU A 140 20.71 -21.56 -3.96
C GLU A 140 19.24 -21.34 -3.65
N LEU A 141 18.43 -22.33 -4.03
CA LEU A 141 16.99 -22.31 -3.80
C LEU A 141 16.62 -23.36 -2.77
N PHE A 142 15.79 -22.97 -1.81
CA PHE A 142 15.29 -23.89 -0.79
C PHE A 142 13.78 -23.99 -1.00
N ARG A 143 13.33 -25.13 -1.54
CA ARG A 143 12.01 -25.25 -2.11
C ARG A 143 11.03 -25.80 -1.11
N ASP A 144 9.83 -25.20 -1.07
CA ASP A 144 8.72 -25.69 -0.24
C ASP A 144 9.16 -25.94 1.20
N VAL A 145 9.57 -24.86 1.85
CA VAL A 145 10.00 -24.96 3.25
C VAL A 145 8.79 -24.93 4.16
N SER A 146 8.91 -25.59 5.31
CA SER A 146 7.85 -25.56 6.30
C SER A 146 7.83 -24.21 7.00
N GLU A 147 6.75 -23.97 7.77
CA GLU A 147 6.68 -22.75 8.55
C GLU A 147 7.82 -22.69 9.57
N GLU A 148 8.08 -23.81 10.26
CA GLU A 148 9.17 -23.84 11.23
C GLU A 148 10.50 -23.59 10.56
N GLU A 149 10.72 -24.20 9.39
CA GLU A 149 11.96 -24.01 8.66
C GLU A 149 12.11 -22.57 8.19
N LEU A 150 11.03 -21.98 7.64
CA LEU A 150 11.08 -20.57 7.29
C LEU A 150 11.45 -19.73 8.50
N HIS A 151 10.84 -20.02 9.65
CA HIS A 151 11.11 -19.24 10.87
C HIS A 151 12.58 -19.30 11.25
N LYS A 152 13.17 -20.50 11.22
CA LYS A 152 14.54 -20.66 11.65
C LYS A 152 15.50 -19.92 10.73
N ILE A 153 15.27 -20.03 9.41
CA ILE A 153 16.15 -19.38 8.44
C ILE A 153 16.09 -17.87 8.61
N LEU A 154 14.88 -17.32 8.71
CA LEU A 154 14.72 -15.87 8.85
C LEU A 154 15.33 -15.37 10.15
N LEU A 155 15.17 -16.14 11.22
CA LEU A 155 15.81 -15.77 12.47
C LEU A 155 17.32 -15.73 12.33
N LYS A 156 17.90 -16.73 11.65
CA LYS A 156 19.35 -16.76 11.50
C LYS A 156 19.85 -15.62 10.62
N GLU A 157 19.13 -15.32 9.54
CA GLU A 157 19.68 -14.48 8.48
C GLU A 157 19.31 -13.00 8.63
N LEU A 158 18.16 -12.71 9.24
CA LEU A 158 17.67 -11.34 9.32
C LEU A 158 17.90 -10.68 10.67
N VAL A 159 18.25 -11.44 11.71
CA VAL A 159 18.49 -10.89 13.04
C VAL A 159 19.99 -10.78 13.26
N THR A 160 20.46 -9.56 13.53
CA THR A 160 21.87 -9.30 13.77
C THR A 160 22.09 -8.55 15.09
N GLY B 1 7.45 30.99 -2.04
CA GLY B 1 7.15 32.13 -2.89
C GLY B 1 6.58 31.71 -4.22
N PRO B 2 6.28 32.68 -5.10
CA PRO B 2 5.61 32.31 -6.36
C PRO B 2 6.43 31.27 -7.11
N LEU B 3 7.73 31.54 -7.27
CA LEU B 3 8.65 30.59 -7.87
C LEU B 3 9.63 30.11 -6.81
N GLY B 4 9.22 30.19 -5.55
CA GLY B 4 10.05 29.72 -4.45
C GLY B 4 10.34 28.23 -4.50
N SER B 5 11.51 27.86 -3.97
CA SER B 5 11.89 26.45 -3.98
C SER B 5 11.01 25.65 -3.02
N TYR B 6 10.62 26.27 -1.91
CA TYR B 6 9.72 25.63 -0.95
C TYR B 6 8.33 25.52 -1.57
N GLY B 7 7.74 26.66 -1.94
CA GLY B 7 6.41 26.65 -2.51
C GLY B 7 6.31 25.74 -3.72
N SER B 8 7.39 25.67 -4.51
CA SER B 8 7.41 24.76 -5.65
C SER B 8 7.32 23.33 -5.16
N ARG B 9 8.12 22.97 -4.15
CA ARG B 9 8.11 21.60 -3.65
C ARG B 9 6.73 21.24 -3.16
N ILE B 10 6.10 22.14 -2.39
CA ILE B 10 4.80 21.85 -1.83
C ILE B 10 3.75 21.84 -2.94
N GLU B 11 3.90 22.71 -3.94
CA GLU B 11 2.94 22.68 -5.04
C GLU B 11 3.05 21.38 -5.82
N ARG B 12 4.28 20.92 -6.06
CA ARG B 12 4.47 19.65 -6.76
C ARG B 12 3.81 18.52 -5.98
N GLU B 13 4.11 18.45 -4.68
CA GLU B 13 3.54 17.40 -3.83
C GLU B 13 2.01 17.45 -3.86
N GLN B 14 1.45 18.65 -3.69
CA GLN B 14 -0.01 18.78 -3.64
C GLN B 14 -0.64 18.44 -4.99
N HIS B 15 -0.02 18.86 -6.09
CA HIS B 15 -0.54 18.48 -7.40
C HIS B 15 -0.46 16.98 -7.61
N HIS B 16 0.64 16.37 -7.17
CA HIS B 16 0.76 14.91 -7.28
C HIS B 16 -0.29 14.21 -6.43
N LEU B 17 -0.56 14.75 -5.24
CA LEU B 17 -1.60 14.17 -4.38
C LEU B 17 -2.95 14.13 -5.07
N ILE B 18 -3.35 15.24 -5.69
CA ILE B 18 -4.69 15.28 -6.28
C ILE B 18 -4.78 14.34 -7.48
N GLU B 19 -3.72 14.29 -8.29
CA GLU B 19 -3.72 13.36 -9.41
C GLU B 19 -3.84 11.92 -8.91
N SER B 20 -3.14 11.60 -7.82
CA SER B 20 -3.19 10.25 -7.28
C SER B 20 -4.61 9.90 -6.85
N ILE B 21 -5.28 10.83 -6.17
CA ILE B 21 -6.65 10.61 -5.76
C ILE B 21 -7.57 10.48 -6.96
N GLU B 22 -7.36 11.32 -7.98
CA GLU B 22 -8.21 11.27 -9.17
C GLU B 22 -8.08 9.95 -9.89
N LYS B 23 -6.86 9.48 -10.10
CA LYS B 23 -6.65 8.27 -10.88
C LYS B 23 -7.14 7.05 -10.12
N SER B 24 -6.84 6.97 -8.84
CA SER B 24 -7.28 5.82 -8.05
C SER B 24 -8.80 5.78 -7.90
N THR B 25 -9.43 6.92 -7.58
CA THR B 25 -10.89 6.92 -7.45
C THR B 25 -11.58 6.66 -8.78
N GLN B 26 -11.01 7.14 -9.89
CA GLN B 26 -11.53 6.77 -11.20
C GLN B 26 -11.45 5.27 -11.43
N TYR B 27 -10.31 4.65 -11.10
CA TYR B 27 -10.18 3.21 -11.23
C TYR B 27 -11.24 2.50 -10.39
N MET B 28 -11.37 2.89 -9.12
CA MET B 28 -12.27 2.21 -8.20
C MET B 28 -13.73 2.46 -8.55
N ALA B 29 -14.05 3.66 -9.05
CA ALA B 29 -15.43 3.97 -9.42
C ALA B 29 -15.91 3.06 -10.54
N LYS B 30 -15.04 2.81 -11.53
CA LYS B 30 -15.41 1.94 -12.64
C LYS B 30 -15.72 0.52 -12.18
N ARG B 31 -15.08 0.07 -11.11
CA ARG B 31 -15.24 -1.30 -10.64
C ARG B 31 -16.14 -1.40 -9.41
N ARG B 32 -16.79 -0.32 -9.02
CA ARG B 32 -17.68 -0.28 -7.86
C ARG B 32 -16.96 -0.78 -6.61
N ILE B 33 -15.75 -0.28 -6.42
CA ILE B 33 -14.93 -0.58 -5.25
C ILE B 33 -15.10 0.55 -4.24
N GLY B 34 -15.61 0.22 -3.06
CA GLY B 34 -15.81 1.24 -2.04
C GLY B 34 -14.48 1.75 -1.51
N ALA B 35 -14.43 3.04 -1.23
CA ALA B 35 -13.19 3.67 -0.79
C ALA B 35 -13.49 4.91 0.03
N LEU B 36 -12.56 5.26 0.90
CA LEU B 36 -12.73 6.39 1.81
C LEU B 36 -11.34 6.94 2.09
N ILE B 37 -11.10 8.18 1.63
CA ILE B 37 -9.80 8.84 1.70
C ILE B 37 -10.00 10.22 2.29
N SER B 38 -9.42 10.47 3.46
CA SER B 38 -9.57 11.74 4.15
C SER B 38 -8.21 12.44 4.15
N VAL B 39 -8.16 13.65 3.61
CA VAL B 39 -6.92 14.41 3.50
C VAL B 39 -6.91 15.46 4.59
N ALA B 40 -5.94 15.36 5.50
CA ALA B 40 -5.83 16.32 6.58
C ALA B 40 -5.38 17.67 6.04
N ARG B 41 -5.74 18.73 6.76
CA ARG B 41 -5.26 20.07 6.45
C ARG B 41 -4.79 20.73 7.73
N ASP B 42 -5.40 21.85 8.12
CA ASP B 42 -4.94 22.57 9.30
C ASP B 42 -5.26 21.79 10.57
N THR B 43 -6.42 21.13 10.61
CA THR B 43 -6.82 20.39 11.79
C THR B 43 -6.00 19.10 11.94
N GLY B 44 -5.57 18.82 13.15
CA GLY B 44 -4.82 17.61 13.42
C GLY B 44 -5.74 16.40 13.47
N MET B 45 -5.27 15.30 12.87
CA MET B 45 -6.02 14.05 12.86
C MET B 45 -5.20 12.90 13.44
N ASP B 46 -4.27 13.21 14.34
CA ASP B 46 -3.42 12.18 14.93
C ASP B 46 -4.26 11.10 15.61
N ASP B 47 -5.33 11.50 16.33
CA ASP B 47 -6.12 10.51 17.05
C ASP B 47 -6.75 9.49 16.10
N TYR B 48 -7.14 9.94 14.91
CA TYR B 48 -7.82 9.03 13.98
C TYR B 48 -6.82 8.17 13.23
N ILE B 49 -5.65 8.72 12.94
CA ILE B 49 -4.57 7.95 12.30
C ILE B 49 -4.16 6.78 13.18
N GLU B 50 -4.09 7.01 14.50
CA GLU B 50 -3.64 5.95 15.39
C GLU B 50 -4.65 4.82 15.51
N THR B 51 -5.90 5.02 15.09
CA THR B 51 -6.86 3.93 15.14
C THR B 51 -6.66 2.94 14.00
N GLY B 52 -5.92 3.30 12.97
CA GLY B 52 -5.74 2.46 11.82
C GLY B 52 -4.45 1.67 11.85
N ILE B 53 -4.08 1.15 10.69
CA ILE B 53 -2.82 0.45 10.48
C ILE B 53 -1.82 1.45 9.93
N PRO B 54 -0.70 1.71 10.60
CA PRO B 54 0.21 2.75 10.13
C PRO B 54 0.93 2.31 8.85
N LEU B 55 1.02 3.23 7.90
CA LEU B 55 1.75 2.98 6.67
C LEU B 55 2.87 3.97 6.43
N ASN B 56 2.62 5.26 6.70
CA ASN B 56 3.58 6.33 6.48
C ASN B 56 4.24 6.19 5.10
N ALA B 57 3.40 6.00 4.09
CA ALA B 57 3.86 5.59 2.77
C ALA B 57 3.85 6.77 1.80
N LYS B 58 4.70 6.66 0.77
CA LYS B 58 4.60 7.60 -0.33
C LYS B 58 3.24 7.48 -1.00
N ILE B 59 2.69 8.61 -1.43
CA ILE B 59 1.41 8.63 -2.12
C ILE B 59 1.58 8.17 -3.57
N SER B 60 0.77 7.20 -3.99
CA SER B 60 0.66 6.83 -5.39
C SER B 60 -0.77 6.38 -5.64
N SER B 61 -1.21 6.49 -6.89
CA SER B 61 -2.50 5.90 -7.26
C SER B 61 -2.49 4.39 -7.08
N GLN B 62 -1.36 3.74 -7.42
CA GLN B 62 -1.28 2.29 -7.34
C GLN B 62 -1.48 1.78 -5.91
N LEU B 63 -0.84 2.43 -4.93
CA LEU B 63 -1.01 2.02 -3.54
C LEU B 63 -2.43 2.28 -3.04
N LEU B 64 -3.03 3.41 -3.42
CA LEU B 64 -4.41 3.69 -3.04
C LEU B 64 -5.35 2.62 -3.55
N ILE B 65 -5.18 2.21 -4.81
CA ILE B 65 -6.01 1.14 -5.38
C ILE B 65 -5.82 -0.15 -4.59
N ASN B 66 -4.57 -0.54 -4.35
CA ASN B 66 -4.32 -1.82 -3.70
C ASN B 66 -4.89 -1.85 -2.28
N ILE B 67 -4.88 -0.72 -1.57
CA ILE B 67 -5.44 -0.68 -0.22
C ILE B 67 -6.92 -1.08 -0.21
N PHE B 68 -7.70 -0.58 -1.17
CA PHE B 68 -9.15 -0.72 -1.11
C PHE B 68 -9.71 -1.92 -1.85
N ILE B 69 -8.85 -2.82 -2.33
CA ILE B 69 -9.40 -4.02 -2.99
C ILE B 69 -10.30 -4.78 -2.03
N PRO B 70 -11.46 -5.27 -2.46
CA PRO B 70 -12.39 -5.88 -1.51
C PRO B 70 -11.82 -7.15 -0.91
N ASN B 71 -12.24 -7.44 0.32
CA ASN B 71 -11.88 -8.69 1.00
C ASN B 71 -10.39 -8.76 1.28
N THR B 72 -9.81 -7.65 1.70
CA THR B 72 -8.39 -7.55 2.03
C THR B 72 -8.25 -6.90 3.39
N PRO B 73 -7.09 -7.04 4.04
CA PRO B 73 -6.93 -6.47 5.39
C PRO B 73 -7.10 -4.98 5.47
N LEU B 74 -6.70 -4.20 4.46
CA LEU B 74 -6.68 -2.75 4.58
C LEU B 74 -7.92 -2.07 4.02
N HIS B 75 -8.90 -2.81 3.47
CA HIS B 75 -9.92 -2.15 2.67
C HIS B 75 -11.00 -1.50 3.53
N ASP B 76 -11.29 -2.09 4.69
CA ASP B 76 -12.35 -1.60 5.57
C ASP B 76 -11.83 -0.45 6.43
N GLY B 77 -12.43 0.72 6.29
CA GLY B 77 -12.03 1.89 7.03
C GLY B 77 -11.42 2.93 6.11
N ALA B 78 -10.83 3.95 6.71
CA ALA B 78 -10.40 5.14 5.98
C ALA B 78 -8.89 5.14 5.78
N VAL B 79 -8.48 5.63 4.63
CA VAL B 79 -7.11 6.06 4.39
C VAL B 79 -7.00 7.51 4.85
N ILE B 80 -5.97 7.82 5.62
CA ILE B 80 -5.78 9.20 6.06
C ILE B 80 -4.46 9.68 5.47
N ILE B 81 -4.54 10.75 4.71
CA ILE B 81 -3.38 11.39 4.09
C ILE B 81 -3.04 12.65 4.88
N LYS B 82 -1.78 12.75 5.29
CA LYS B 82 -1.31 13.84 6.14
C LYS B 82 0.03 14.28 5.56
N GLY B 83 0.16 15.57 5.33
CA GLY B 83 1.37 16.08 4.72
C GLY B 83 1.45 15.50 3.33
N ASN B 84 2.53 14.78 3.07
CA ASN B 84 2.78 14.16 1.77
C ASN B 84 2.92 12.65 1.91
N GLU B 85 2.19 12.06 2.85
N GLU B 85 2.12 12.04 2.79
CA GLU B 85 2.22 10.62 3.08
CA GLU B 85 2.26 10.61 3.03
C GLU B 85 0.81 10.09 3.24
C GLU B 85 0.94 9.98 3.44
N ILE B 86 0.63 8.82 2.84
CA ILE B 86 -0.51 8.03 3.27
C ILE B 86 -0.16 7.59 4.69
N ALA B 87 -0.75 8.28 5.67
CA ALA B 87 -0.40 8.03 7.06
C ALA B 87 -0.89 6.67 7.53
N SER B 88 -2.17 6.36 7.28
CA SER B 88 -2.73 5.12 7.76
C SER B 88 -3.80 4.63 6.79
N ALA B 89 -4.17 3.37 6.97
CA ALA B 89 -5.30 2.75 6.30
C ALA B 89 -6.14 2.06 7.38
N ALA B 90 -7.36 1.67 7.01
CA ALA B 90 -8.28 0.99 7.91
C ALA B 90 -8.53 1.79 9.18
N SER B 91 -8.51 3.12 9.08
CA SER B 91 -8.75 4.00 10.20
C SER B 91 -10.25 4.22 10.41
N TYR B 92 -10.64 4.39 11.67
CA TYR B 92 -12.03 4.62 12.02
C TYR B 92 -12.28 6.13 12.11
N LEU B 93 -13.22 6.59 11.34
CA LEU B 93 -13.69 7.96 11.44
C LEU B 93 -15.03 8.01 12.18
N PRO B 94 -15.37 9.11 12.82
CA PRO B 94 -16.64 9.19 13.52
C PRO B 94 -17.81 9.23 12.54
N LEU B 95 -18.90 8.61 12.95
CA LEU B 95 -20.09 8.49 12.11
C LEU B 95 -21.01 9.68 12.38
N SER B 96 -21.38 10.40 11.33
CA SER B 96 -22.36 11.48 11.48
C SER B 96 -23.74 10.94 11.83
N ASP B 97 -24.45 11.66 12.69
CA ASP B 97 -25.83 11.34 13.01
C ASP B 97 -26.83 12.09 12.12
N SER B 98 -26.36 12.71 11.03
CA SER B 98 -27.23 13.58 10.25
C SER B 98 -28.39 12.79 9.68
N PRO B 99 -29.64 13.26 9.83
CA PRO B 99 -30.77 12.61 9.17
C PRO B 99 -30.96 13.02 7.72
N PHE B 100 -30.15 13.96 7.23
CA PHE B 100 -30.29 14.45 5.86
C PHE B 100 -29.48 13.65 4.87
N LEU B 101 -28.63 12.74 5.35
CA LEU B 101 -27.85 11.90 4.47
C LEU B 101 -28.78 10.85 3.87
N SER B 102 -28.81 10.75 2.55
CA SER B 102 -29.74 9.84 1.89
C SER B 102 -29.60 8.43 2.43
N LYS B 103 -30.75 7.75 2.60
CA LYS B 103 -30.77 6.42 3.19
C LYS B 103 -29.97 5.43 2.36
N GLU B 104 -29.83 5.68 1.05
CA GLU B 104 -29.13 4.76 0.17
C GLU B 104 -27.61 4.81 0.36
N LEU B 105 -27.10 5.84 1.01
CA LEU B 105 -25.68 5.93 1.29
C LEU B 105 -25.33 5.03 2.47
N GLY B 106 -24.05 4.64 2.54
CA GLY B 106 -23.60 3.65 3.48
C GLY B 106 -22.64 4.19 4.52
N THR B 107 -22.06 3.26 5.29
CA THR B 107 -21.17 3.62 6.38
C THR B 107 -20.07 4.58 5.93
N ARG B 108 -19.48 4.34 4.75
CA ARG B 108 -18.37 5.17 4.29
C ARG B 108 -18.77 6.63 4.20
N HIS B 109 -19.99 6.90 3.71
CA HIS B 109 -20.42 8.29 3.56
C HIS B 109 -20.69 8.93 4.90
N ARG B 110 -21.31 8.18 5.82
CA ARG B 110 -21.54 8.71 7.15
C ARG B 110 -20.24 8.97 7.88
N ALA B 111 -19.22 8.16 7.64
CA ALA B 111 -17.90 8.41 8.23
C ALA B 111 -17.24 9.63 7.60
N ALA B 112 -17.30 9.75 6.27
CA ALA B 112 -16.80 10.95 5.61
C ALA B 112 -17.49 12.20 6.13
N LEU B 113 -18.80 12.12 6.35
CA LEU B 113 -19.51 13.30 6.84
C LEU B 113 -19.11 13.59 8.27
N GLY B 114 -18.93 12.53 9.08
CA GLY B 114 -18.60 12.74 10.49
C GLY B 114 -17.25 13.41 10.68
N ILE B 115 -16.23 12.97 9.93
CA ILE B 115 -14.91 13.57 10.12
C ILE B 115 -14.94 15.03 9.65
N SER B 116 -15.75 15.33 8.63
CA SER B 116 -15.85 16.69 8.12
C SER B 116 -16.58 17.62 9.07
N GLU B 117 -17.35 17.07 10.02
CA GLU B 117 -18.01 17.90 11.03
C GLU B 117 -17.06 18.34 12.13
N VAL B 118 -15.95 17.63 12.35
CA VAL B 118 -15.06 17.94 13.46
C VAL B 118 -13.64 18.24 13.01
N THR B 119 -13.41 18.36 11.70
CA THR B 119 -12.12 18.76 11.15
C THR B 119 -12.36 19.62 9.93
N ASP B 120 -11.30 20.26 9.43
CA ASP B 120 -11.29 20.91 8.13
C ASP B 120 -10.70 20.02 7.04
N SER B 121 -10.72 18.71 7.23
CA SER B 121 -10.23 17.80 6.22
C SER B 121 -11.16 17.76 5.01
N ILE B 122 -10.62 17.27 3.91
CA ILE B 122 -11.37 17.02 2.68
C ILE B 122 -11.39 15.51 2.51
N THR B 123 -12.58 14.92 2.41
CA THR B 123 -12.69 13.48 2.34
C THR B 123 -13.39 13.06 1.05
N ILE B 124 -12.88 12.01 0.42
CA ILE B 124 -13.39 11.51 -0.84
C ILE B 124 -13.94 10.11 -0.60
N VAL B 125 -15.07 9.80 -1.23
CA VAL B 125 -15.74 8.52 -1.03
C VAL B 125 -16.13 7.96 -2.38
N VAL B 126 -15.86 6.68 -2.60
CA VAL B 126 -16.36 5.96 -3.76
C VAL B 126 -17.40 4.98 -3.24
N SER B 127 -18.56 4.94 -3.90
CA SER B 127 -19.63 4.07 -3.44
C SER B 127 -19.44 2.67 -4.01
N GLU B 128 -19.55 1.65 -3.14
CA GLU B 128 -19.47 0.28 -3.60
C GLU B 128 -20.72 -0.15 -4.35
N GLU B 129 -21.85 0.52 -4.12
CA GLU B 129 -23.08 0.18 -4.81
C GLU B 129 -23.17 0.80 -6.20
N THR B 130 -22.78 2.07 -6.33
CA THR B 130 -22.97 2.79 -7.58
C THR B 130 -21.67 3.17 -8.28
N GLY B 131 -20.54 3.19 -7.57
CA GLY B 131 -19.34 3.78 -8.11
C GLY B 131 -19.34 5.28 -8.16
N GLY B 132 -20.40 5.93 -7.69
CA GLY B 132 -20.39 7.38 -7.61
C GLY B 132 -19.34 7.88 -6.62
N ILE B 133 -18.73 9.00 -6.96
CA ILE B 133 -17.72 9.64 -6.13
C ILE B 133 -18.35 10.80 -5.39
N SER B 134 -18.07 10.92 -4.10
CA SER B 134 -18.62 11.99 -3.29
C SER B 134 -17.53 12.63 -2.46
N LEU B 135 -17.78 13.87 -2.05
CA LEU B 135 -16.86 14.65 -1.23
C LEU B 135 -17.59 15.18 -0.01
N THR B 136 -16.86 15.32 1.10
CA THR B 136 -17.39 15.99 2.27
C THR B 136 -16.43 17.07 2.73
N LYS B 137 -16.99 18.13 3.29
CA LYS B 137 -16.24 19.26 3.82
C LYS B 137 -17.15 20.04 4.75
N GLY B 138 -16.69 20.31 5.97
CA GLY B 138 -17.42 21.19 6.88
C GLY B 138 -18.84 20.74 7.16
N GLY B 139 -19.06 19.43 7.27
CA GLY B 139 -20.35 18.92 7.67
C GLY B 139 -21.36 18.82 6.56
N GLU B 140 -20.90 18.88 5.31
CA GLU B 140 -21.77 18.85 4.13
C GLU B 140 -21.19 17.88 3.12
N LEU B 141 -22.07 17.29 2.31
CA LEU B 141 -21.68 16.26 1.36
C LEU B 141 -22.07 16.69 -0.05
N PHE B 142 -21.14 16.54 -0.99
CA PHE B 142 -21.37 16.82 -2.40
C PHE B 142 -21.38 15.45 -3.07
N ARG B 143 -22.54 15.01 -3.53
CA ARG B 143 -22.75 13.64 -3.98
C ARG B 143 -22.58 13.49 -5.49
N ASP B 144 -21.99 12.35 -5.88
CA ASP B 144 -21.88 11.89 -7.26
C ASP B 144 -21.32 12.98 -8.18
N VAL B 145 -20.10 13.40 -7.85
CA VAL B 145 -19.44 14.48 -8.59
C VAL B 145 -18.84 13.94 -9.89
N SER B 146 -18.76 14.79 -10.89
CA SER B 146 -18.11 14.43 -12.14
C SER B 146 -16.60 14.54 -11.98
N GLU B 147 -15.87 13.95 -12.93
CA GLU B 147 -14.41 14.04 -12.91
C GLU B 147 -13.96 15.50 -12.91
N GLU B 148 -14.60 16.35 -13.72
CA GLU B 148 -14.21 17.75 -13.77
C GLU B 148 -14.49 18.44 -12.44
N GLU B 149 -15.66 18.17 -11.85
CA GLU B 149 -15.98 18.77 -10.56
C GLU B 149 -15.04 18.29 -9.47
N LEU B 150 -14.73 16.98 -9.47
CA LEU B 150 -13.76 16.45 -8.53
C LEU B 150 -12.42 17.17 -8.62
N HIS B 151 -11.88 17.30 -9.84
CA HIS B 151 -10.61 17.98 -10.03
C HIS B 151 -10.69 19.43 -9.53
N LYS B 152 -11.74 20.16 -9.94
CA LYS B 152 -11.86 21.56 -9.56
C LYS B 152 -11.88 21.73 -8.05
N ILE B 153 -12.63 20.88 -7.35
CA ILE B 153 -12.75 21.03 -5.90
C ILE B 153 -11.43 20.67 -5.22
N LEU B 154 -10.80 19.58 -5.67
CA LEU B 154 -9.53 19.16 -5.08
C LEU B 154 -8.45 20.20 -5.30
N LEU B 155 -8.38 20.76 -6.51
CA LEU B 155 -7.40 21.81 -6.75
C LEU B 155 -7.64 23.01 -5.84
N LYS B 156 -8.89 23.42 -5.69
CA LYS B 156 -9.20 24.58 -4.87
C LYS B 156 -8.88 24.32 -3.39
N GLU B 157 -9.22 23.14 -2.89
CA GLU B 157 -9.11 22.89 -1.46
C GLU B 157 -7.75 22.36 -1.04
N LEU B 158 -6.98 21.74 -1.95
CA LEU B 158 -5.76 21.05 -1.55
C LEU B 158 -4.49 21.65 -2.12
N VAL B 159 -4.58 22.56 -3.09
CA VAL B 159 -3.43 23.27 -3.62
C VAL B 159 -3.35 24.63 -2.94
N THR B 160 -2.22 24.89 -2.27
CA THR B 160 -2.07 26.16 -1.57
C THR B 160 -1.85 27.33 -2.54
N VAL B 161 -1.02 27.15 -3.57
CA VAL B 161 -0.72 28.26 -4.47
C VAL B 161 -1.97 28.77 -5.17
N THR B 162 -3.00 27.93 -5.29
CA THR B 162 -4.24 28.32 -5.97
C THR B 162 -5.25 28.88 -4.98
#